data_4XST
#
_entry.id   4XST
#
_cell.length_a   158.718
_cell.length_b   158.718
_cell.length_c   85.912
_cell.angle_alpha   90.00
_cell.angle_beta   90.00
_cell.angle_gamma   120.00
#
_symmetry.space_group_name_H-M   'P 63 2 2'
#
loop_
_entity.id
_entity.type
_entity.pdbx_description
1 polymer 'Insulin receptor'
2 polymer 'Insulin receptor'
3 branched alpha-L-fucopyranose-(1-6)-2-acetamido-2-deoxy-beta-D-glucopyranose
4 non-polymer 2-acetamido-2-deoxy-beta-D-glucopyranose
5 non-polymer 'SULFATE ION'
#
loop_
_entity_poly.entity_id
_entity_poly.type
_entity_poly.pdbx_seq_one_letter_code
_entity_poly.pdbx_strand_id
1 'polypeptide(L)'
;HLYPGEVCPGMDIRNNLTRLHELENCSVIEGHLQILLMFKTRPEDFRDLSFPKLIMITDYLLLFRVYGLESLKDLFPNLT
VIRGSRLFFNYALVIFEMVHLKELGLYNLMNITRGSVRIEKNNELCYLATIDWSRILDSVEDNHIVLNKDDNEECGDICP
GTAKGKTNCPATVINGQFVERCWTHSHCQKVCPTICKSHGCTAEGLCCHSECLGNCSQPDDPTKCVACRNFYLDGRCVET
CPPPYYHFQDWRCVNFSFCQDLHHKCKNSRRQGCHQYVIHNNKCIPECPSGYTMNSSNLLCTPCLGPCPKSSSLVPR
;
E
2 'polypeptide(L)' ESSFRKTFEDYLHNVVFVPRKTS F
#
# COMPACT_ATOMS: atom_id res chain seq x y z
N GLY A 5 0.76 -12.72 -10.63
CA GLY A 5 2.03 -12.96 -9.96
C GLY A 5 1.95 -13.49 -8.52
N GLU A 6 3.08 -13.54 -7.83
CA GLU A 6 3.17 -14.05 -6.47
C GLU A 6 2.61 -13.09 -5.44
N VAL A 7 2.27 -13.67 -4.30
CA VAL A 7 1.97 -12.94 -3.09
C VAL A 7 3.29 -13.03 -2.32
N CYS A 8 3.91 -11.91 -2.03
CA CYS A 8 5.15 -11.96 -1.28
C CYS A 8 4.94 -11.42 0.09
N PRO A 9 5.76 -11.81 1.06
CA PRO A 9 5.57 -11.28 2.42
C PRO A 9 6.19 -9.90 2.61
N GLY A 10 5.83 -9.25 3.72
CA GLY A 10 6.39 -7.96 4.13
C GLY A 10 7.90 -8.01 4.09
N MET A 11 8.52 -6.92 3.65
CA MET A 11 9.97 -6.82 3.55
C MET A 11 10.53 -5.56 4.13
N ASP A 12 11.79 -5.65 4.53
CA ASP A 12 12.56 -4.57 5.14
C ASP A 12 13.93 -4.53 4.52
N ILE A 13 14.10 -3.70 3.49
CA ILE A 13 15.30 -3.62 2.67
C ILE A 13 16.17 -2.44 3.10
N ARG A 14 17.41 -2.76 3.51
CA ARG A 14 18.41 -1.80 4.00
C ARG A 14 19.75 -1.93 3.28
N ASN A 15 20.53 -0.84 3.27
CA ASN A 15 21.94 -0.77 2.84
C ASN A 15 22.21 -1.05 1.35
N ASN A 16 21.78 -2.26 0.86
CA ASN A 16 21.98 -2.78 -0.50
C ASN A 16 20.68 -2.99 -1.19
N LEU A 17 20.72 -2.80 -2.51
CA LEU A 17 19.59 -3.10 -3.34
C LEU A 17 19.55 -4.58 -3.68
N THR A 18 20.55 -5.42 -3.33
CA THR A 18 20.49 -6.82 -3.72
C THR A 18 19.10 -7.48 -3.44
N ARG A 19 18.61 -7.37 -2.20
CA ARG A 19 17.38 -8.01 -1.75
C ARG A 19 16.12 -7.45 -2.36
N LEU A 20 16.21 -6.28 -2.98
CA LEU A 20 15.08 -5.63 -3.62
C LEU A 20 14.49 -6.42 -4.80
N HIS A 21 15.33 -7.17 -5.50
CA HIS A 21 14.90 -8.02 -6.61
C HIS A 21 14.08 -9.21 -6.17
N GLU A 22 14.00 -9.45 -4.84
CA GLU A 22 13.15 -10.50 -4.29
C GLU A 22 11.67 -10.18 -4.60
N LEU A 23 11.38 -8.92 -4.92
CA LEU A 23 10.04 -8.45 -5.24
C LEU A 23 9.65 -8.57 -6.72
N GLU A 24 10.57 -9.00 -7.57
CA GLU A 24 10.38 -8.99 -9.03
C GLU A 24 9.11 -9.70 -9.55
N ASN A 25 8.64 -10.74 -8.86
CA ASN A 25 7.44 -11.47 -9.27
C ASN A 25 6.21 -11.23 -8.37
N CYS A 26 6.22 -10.18 -7.51
CA CYS A 26 5.06 -9.92 -6.65
C CYS A 26 4.02 -9.08 -7.30
N SER A 27 2.79 -9.49 -7.06
CA SER A 27 1.59 -8.78 -7.40
C SER A 27 1.09 -8.09 -6.15
N VAL A 28 1.17 -8.81 -5.03
CA VAL A 28 0.71 -8.31 -3.75
C VAL A 28 1.86 -8.48 -2.77
N ILE A 29 2.08 -7.47 -1.92
CA ILE A 29 2.96 -7.59 -0.79
C ILE A 29 2.02 -7.71 0.41
N GLU A 30 2.02 -8.88 1.03
CA GLU A 30 1.15 -9.20 2.16
C GLU A 30 1.97 -8.88 3.39
N GLY A 31 1.86 -7.63 3.84
CA GLY A 31 2.68 -7.02 4.88
C GLY A 31 3.08 -5.61 4.47
N HIS A 32 4.18 -5.07 5.05
CA HIS A 32 4.66 -3.73 4.69
C HIS A 32 5.89 -3.81 3.80
N LEU A 33 6.26 -2.69 3.25
CA LEU A 33 7.47 -2.61 2.46
C LEU A 33 8.21 -1.39 2.95
N GLN A 34 9.41 -1.61 3.53
CA GLN A 34 10.29 -0.55 3.96
C GLN A 34 11.57 -0.66 3.16
N ILE A 35 12.00 0.47 2.55
CA ILE A 35 13.25 0.60 1.81
C ILE A 35 13.99 1.76 2.46
N LEU A 36 15.15 1.46 3.05
CA LEU A 36 15.82 2.51 3.81
C LEU A 36 17.33 2.42 3.90
N LEU A 37 17.92 3.58 4.18
CA LEU A 37 19.34 3.73 4.39
C LEU A 37 20.15 3.11 3.27
N MET A 38 19.91 3.60 2.06
CA MET A 38 20.65 3.20 0.89
C MET A 38 21.54 4.30 0.44
N PHE A 39 22.73 4.29 1.00
CA PHE A 39 23.73 5.29 0.82
C PHE A 39 24.66 4.95 -0.31
N LYS A 40 24.58 3.74 -0.91
CA LYS A 40 25.49 3.36 -1.99
C LYS A 40 24.90 3.53 -3.40
N THR A 41 23.58 3.73 -3.46
CA THR A 41 22.84 3.81 -4.70
C THR A 41 23.05 5.15 -5.40
N ARG A 42 22.88 5.14 -6.72
CA ARG A 42 22.97 6.29 -7.61
C ARG A 42 21.81 6.20 -8.63
N PRO A 43 21.45 7.28 -9.36
CA PRO A 43 20.31 7.18 -10.31
C PRO A 43 20.38 6.02 -11.31
N GLU A 44 21.61 5.70 -11.75
CA GLU A 44 21.88 4.63 -12.70
C GLU A 44 21.42 3.27 -12.19
N ASP A 45 21.46 3.04 -10.87
CA ASP A 45 21.01 1.79 -10.24
C ASP A 45 19.50 1.61 -10.35
N PHE A 46 18.75 2.71 -10.55
CA PHE A 46 17.30 2.71 -10.65
C PHE A 46 16.75 2.99 -12.06
N ARG A 47 17.61 3.31 -13.05
CA ARG A 47 17.18 3.56 -14.43
C ARG A 47 16.52 2.32 -15.04
N ASP A 48 17.03 1.12 -14.68
CA ASP A 48 16.52 -0.16 -15.20
C ASP A 48 15.98 -1.05 -14.08
N LEU A 49 15.25 -0.45 -13.14
CA LEU A 49 14.66 -1.15 -12.00
C LEU A 49 13.19 -0.82 -11.92
N SER A 50 12.40 -1.85 -12.07
CA SER A 50 10.97 -1.70 -12.15
C SER A 50 10.31 -2.91 -11.60
N PHE A 51 9.17 -2.71 -10.89
CA PHE A 51 8.34 -3.79 -10.35
C PHE A 51 6.92 -3.59 -10.87
N PRO A 52 6.71 -3.85 -12.18
CA PRO A 52 5.43 -3.52 -12.81
C PRO A 52 4.30 -4.44 -12.46
N LYS A 53 4.62 -5.57 -11.85
CA LYS A 53 3.64 -6.53 -11.41
C LYS A 53 2.99 -6.11 -10.09
N LEU A 54 3.65 -5.25 -9.26
CA LEU A 54 3.13 -4.85 -7.96
C LEU A 54 1.91 -3.97 -8.08
N ILE A 55 0.80 -4.46 -7.54
CA ILE A 55 -0.51 -3.83 -7.60
C ILE A 55 -0.93 -3.34 -6.25
N MET A 56 -0.57 -4.08 -5.20
CA MET A 56 -1.07 -3.78 -3.89
C MET A 56 -0.17 -4.14 -2.74
N ILE A 57 -0.19 -3.33 -1.68
CA ILE A 57 0.55 -3.55 -0.42
C ILE A 57 -0.52 -3.60 0.68
N THR A 58 -0.60 -4.68 1.50
CA THR A 58 -1.69 -4.76 2.49
C THR A 58 -1.51 -3.82 3.71
N ASP A 59 -0.27 -3.52 4.08
CA ASP A 59 0.01 -2.66 5.24
C ASP A 59 0.42 -1.24 4.83
N TYR A 60 1.72 -0.93 4.84
CA TYR A 60 2.21 0.40 4.50
C TYR A 60 3.47 0.35 3.66
N LEU A 61 3.77 1.45 2.97
CA LEU A 61 4.98 1.66 2.18
C LEU A 61 5.77 2.79 2.82
N LEU A 62 7.04 2.51 3.16
CA LEU A 62 7.95 3.47 3.78
C LEU A 62 9.30 3.57 3.03
N LEU A 63 9.69 4.78 2.70
CA LEU A 63 10.95 5.06 2.02
C LEU A 63 11.67 6.15 2.84
N PHE A 64 12.93 5.85 3.20
CA PHE A 64 13.73 6.74 4.03
C PHE A 64 15.22 6.72 3.65
N ARG A 65 15.83 7.88 3.32
CA ARG A 65 17.26 7.96 2.98
C ARG A 65 17.69 6.99 1.86
N VAL A 66 17.00 7.03 0.72
CA VAL A 66 17.34 6.20 -0.43
C VAL A 66 17.99 7.13 -1.49
N TYR A 67 19.35 7.09 -1.58
CA TYR A 67 20.14 7.93 -2.49
C TYR A 67 19.97 7.54 -3.94
N GLY A 68 19.91 8.53 -4.81
CA GLY A 68 19.83 8.32 -6.25
C GLY A 68 18.45 8.06 -6.82
N LEU A 69 17.43 7.81 -5.97
CA LEU A 69 16.06 7.54 -6.45
C LEU A 69 15.34 8.85 -6.67
N GLU A 70 14.95 9.12 -7.92
CA GLU A 70 14.38 10.41 -8.36
C GLU A 70 12.89 10.45 -8.54
N SER A 71 12.29 9.30 -8.74
CA SER A 71 10.87 9.16 -8.95
C SER A 71 10.53 7.73 -8.62
N LEU A 72 9.27 7.49 -8.30
CA LEU A 72 8.76 6.16 -8.07
C LEU A 72 7.97 5.65 -9.29
N LYS A 73 7.84 6.47 -10.36
CA LYS A 73 7.07 6.12 -11.56
C LYS A 73 7.56 4.86 -12.28
N ASP A 74 8.87 4.53 -12.16
CA ASP A 74 9.45 3.36 -12.79
C ASP A 74 9.52 2.25 -11.81
N LEU A 75 9.72 2.57 -10.54
CA LEU A 75 9.77 1.53 -9.52
C LEU A 75 8.39 0.86 -9.32
N PHE A 76 7.34 1.66 -9.01
CA PHE A 76 6.00 1.13 -8.74
C PHE A 76 4.94 1.71 -9.67
N PRO A 77 5.05 1.42 -10.99
CA PRO A 77 4.15 2.05 -11.95
C PRO A 77 2.68 1.67 -11.83
N ASN A 78 2.42 0.45 -11.34
CA ASN A 78 1.07 -0.12 -11.29
C ASN A 78 0.49 -0.27 -9.90
N LEU A 79 1.21 0.22 -8.87
CA LEU A 79 0.74 0.17 -7.49
C LEU A 79 -0.54 1.01 -7.43
N THR A 80 -1.66 0.32 -7.16
CA THR A 80 -3.00 0.84 -7.19
C THR A 80 -3.64 1.04 -5.80
N VAL A 81 -3.32 0.16 -4.84
CA VAL A 81 -3.88 0.20 -3.49
C VAL A 81 -2.83 -0.05 -2.42
N ILE A 82 -2.92 0.69 -1.31
CA ILE A 82 -2.19 0.44 -0.07
C ILE A 82 -3.31 0.31 0.95
N ARG A 83 -3.56 -0.90 1.47
CA ARG A 83 -4.72 -1.15 2.33
C ARG A 83 -4.61 -0.57 3.74
N GLY A 84 -3.41 -0.49 4.28
CA GLY A 84 -3.25 0.09 5.60
C GLY A 84 -3.78 -0.77 6.73
N SER A 85 -3.74 -2.11 6.58
CA SER A 85 -4.22 -3.03 7.63
C SER A 85 -3.44 -2.83 8.91
N ARG A 86 -2.12 -2.67 8.78
CA ARG A 86 -1.24 -2.30 9.85
C ARG A 86 -0.55 -1.02 9.33
N LEU A 87 -0.25 -0.07 10.23
CA LEU A 87 0.27 1.24 9.85
C LEU A 87 1.54 1.56 10.54
N PHE A 88 2.26 2.59 10.08
CA PHE A 88 3.49 3.08 10.70
C PHE A 88 3.02 4.32 11.43
N PHE A 89 2.79 4.15 12.73
CA PHE A 89 2.11 5.08 13.61
C PHE A 89 0.71 5.07 13.02
N ASN A 90 0.29 6.19 12.42
CA ASN A 90 -1.02 6.28 11.77
C ASN A 90 -0.89 6.44 10.26
N TYR A 91 0.27 6.10 9.69
CA TYR A 91 0.51 6.32 8.27
C TYR A 91 0.58 5.05 7.42
N ALA A 92 -0.05 5.13 6.24
CA ALA A 92 -0.01 4.04 5.25
C ALA A 92 1.07 4.34 4.16
N LEU A 93 1.53 5.58 4.07
CA LEU A 93 2.56 5.97 3.12
C LEU A 93 3.49 6.94 3.81
N VAL A 94 4.79 6.61 3.83
CA VAL A 94 5.83 7.42 4.48
C VAL A 94 7.02 7.66 3.54
N ILE A 95 7.28 8.93 3.22
CA ILE A 95 8.39 9.37 2.38
C ILE A 95 9.17 10.37 3.23
N PHE A 96 10.32 9.95 3.77
CA PHE A 96 11.06 10.78 4.70
C PHE A 96 12.56 10.86 4.40
N GLU A 97 13.11 12.07 4.35
CA GLU A 97 14.52 12.32 4.10
C GLU A 97 15.02 11.59 2.86
N MET A 98 14.21 11.67 1.80
CA MET A 98 14.48 11.12 0.47
C MET A 98 15.22 12.18 -0.37
N VAL A 99 16.52 12.25 -0.12
CA VAL A 99 17.56 13.14 -0.62
C VAL A 99 17.37 13.64 -2.08
N HIS A 100 17.10 12.70 -3.00
CA HIS A 100 17.06 12.97 -4.43
C HIS A 100 15.72 12.87 -5.08
N LEU A 101 14.67 12.54 -4.31
CA LEU A 101 13.35 12.34 -4.88
C LEU A 101 12.79 13.65 -5.38
N LYS A 102 12.48 13.70 -6.68
CA LYS A 102 11.99 14.88 -7.37
C LYS A 102 10.47 14.85 -7.51
N GLU A 103 9.88 13.66 -7.54
CA GLU A 103 8.43 13.52 -7.67
C GLU A 103 8.06 12.15 -7.08
N LEU A 104 6.79 12.00 -6.68
CA LEU A 104 6.31 10.70 -6.24
C LEU A 104 6.12 9.83 -7.48
N GLY A 105 5.29 10.29 -8.40
CA GLY A 105 5.05 9.56 -9.62
C GLY A 105 4.29 8.26 -9.50
N LEU A 106 3.53 8.05 -8.38
CA LEU A 106 2.71 6.84 -8.18
C LEU A 106 1.40 7.05 -8.92
N TYR A 107 1.48 7.17 -10.28
CA TYR A 107 0.36 7.57 -11.14
C TYR A 107 -0.78 6.57 -11.20
N ASN A 108 -0.59 5.35 -10.70
CA ASN A 108 -1.69 4.38 -10.64
C ASN A 108 -2.32 4.22 -9.23
N LEU A 109 -1.85 5.01 -8.24
CA LEU A 109 -2.36 4.87 -6.88
C LEU A 109 -3.73 5.51 -6.75
N MET A 110 -4.76 4.68 -6.55
CA MET A 110 -6.14 5.10 -6.49
C MET A 110 -6.74 5.17 -5.09
N ASN A 111 -6.29 4.30 -4.20
CA ASN A 111 -6.87 4.23 -2.87
C ASN A 111 -5.85 3.87 -1.79
N ILE A 112 -6.01 4.50 -0.63
CA ILE A 112 -5.30 4.18 0.62
C ILE A 112 -6.45 3.89 1.57
N THR A 113 -6.69 2.61 1.81
CA THR A 113 -7.91 2.14 2.46
C THR A 113 -8.04 2.50 3.92
N ARG A 114 -6.90 2.68 4.58
CA ARG A 114 -6.80 3.02 5.99
C ARG A 114 -5.48 3.70 6.21
N GLY A 115 -5.47 4.70 7.07
CA GLY A 115 -4.27 5.43 7.44
C GLY A 115 -4.04 6.68 6.62
N SER A 116 -3.06 7.50 7.01
CA SER A 116 -2.74 8.76 6.36
C SER A 116 -1.37 8.75 5.66
N VAL A 117 -1.01 9.92 5.10
CA VAL A 117 0.22 10.11 4.36
C VAL A 117 1.16 11.08 5.10
N ARG A 118 2.43 10.68 5.28
CA ARG A 118 3.47 11.55 5.85
C ARG A 118 4.63 11.65 4.87
N ILE A 119 4.77 12.81 4.24
CA ILE A 119 5.80 13.12 3.25
C ILE A 119 6.48 14.34 3.81
N GLU A 120 7.65 14.13 4.42
CA GLU A 120 8.34 15.14 5.19
C GLU A 120 9.83 15.20 4.88
N LYS A 121 10.40 16.42 4.79
CA LYS A 121 11.84 16.67 4.67
C LYS A 121 12.49 16.04 3.46
N ASN A 122 11.91 16.29 2.29
CA ASN A 122 12.41 15.82 0.99
C ASN A 122 12.79 17.05 0.20
N ASN A 123 14.06 17.44 0.26
CA ASN A 123 14.54 18.72 -0.25
C ASN A 123 14.39 18.96 -1.74
N GLU A 124 14.30 17.90 -2.56
CA GLU A 124 14.13 18.09 -4.00
C GLU A 124 12.70 17.78 -4.43
N LEU A 125 11.80 17.41 -3.49
CA LEU A 125 10.49 16.85 -3.84
C LEU A 125 9.43 17.83 -4.29
N CYS A 126 8.95 17.59 -5.50
CA CYS A 126 7.91 18.37 -6.13
C CYS A 126 6.74 17.50 -6.53
N TYR A 127 5.77 18.07 -7.25
CA TYR A 127 4.56 17.39 -7.68
C TYR A 127 3.73 16.87 -6.51
N LEU A 128 3.66 17.70 -5.47
CA LEU A 128 2.87 17.39 -4.29
C LEU A 128 1.59 18.21 -4.26
N ALA A 129 1.70 19.51 -4.61
CA ALA A 129 0.55 20.41 -4.63
C ALA A 129 -0.43 20.03 -5.73
N THR A 130 0.05 19.26 -6.72
CA THR A 130 -0.71 18.82 -7.89
C THR A 130 -1.58 17.60 -7.65
N ILE A 131 -1.39 16.94 -6.50
CA ILE A 131 -2.10 15.72 -6.16
C ILE A 131 -3.34 16.06 -5.36
N ASP A 132 -4.49 15.55 -5.81
CA ASP A 132 -5.72 15.62 -5.04
C ASP A 132 -5.81 14.36 -4.21
N TRP A 133 -5.36 14.45 -2.96
CA TRP A 133 -5.40 13.32 -2.05
C TRP A 133 -6.83 12.91 -1.66
N SER A 134 -7.85 13.82 -1.78
CA SER A 134 -9.24 13.50 -1.45
C SER A 134 -9.79 12.37 -2.30
N ARG A 135 -9.19 12.11 -3.48
CA ARG A 135 -9.60 11.00 -4.34
C ARG A 135 -9.01 9.69 -3.86
N ILE A 136 -8.00 9.75 -2.97
CA ILE A 136 -7.23 8.57 -2.53
C ILE A 136 -7.52 8.19 -1.06
N LEU A 137 -7.66 9.18 -0.18
CA LEU A 137 -7.93 8.99 1.25
C LEU A 137 -9.22 9.65 1.64
N ASP A 138 -10.01 8.97 2.49
CA ASP A 138 -11.26 9.58 2.97
C ASP A 138 -10.94 10.81 3.81
N SER A 139 -9.92 10.68 4.66
CA SER A 139 -9.50 11.75 5.54
C SER A 139 -8.06 12.21 5.25
N VAL A 140 -7.94 13.48 4.86
CA VAL A 140 -6.67 14.10 4.55
C VAL A 140 -6.26 14.99 5.73
N GLU A 141 -7.10 15.00 6.77
CA GLU A 141 -6.93 15.82 7.95
C GLU A 141 -5.64 15.48 8.70
N ASP A 142 -5.27 14.20 8.71
CA ASP A 142 -4.10 13.72 9.41
C ASP A 142 -2.85 13.59 8.52
N ASN A 143 -2.96 14.06 7.25
CA ASN A 143 -1.80 14.07 6.36
C ASN A 143 -0.80 15.05 6.94
N HIS A 144 0.47 14.74 6.75
CA HIS A 144 1.54 15.59 7.24
C HIS A 144 2.55 15.71 6.13
N ILE A 145 2.31 16.70 5.26
CA ILE A 145 3.13 16.91 4.09
C ILE A 145 3.75 18.24 4.23
N VAL A 146 4.99 18.26 4.73
CA VAL A 146 5.72 19.48 5.06
C VAL A 146 7.20 19.36 4.77
N LEU A 147 7.85 20.52 4.70
CA LEU A 147 9.27 20.66 4.52
C LEU A 147 9.78 19.91 3.26
N ASN A 148 9.13 20.14 2.12
CA ASN A 148 9.56 19.62 0.83
C ASN A 148 9.86 20.79 -0.12
N LYS A 149 10.58 20.56 -1.24
CA LYS A 149 10.85 21.64 -2.20
C LYS A 149 9.56 22.39 -2.59
N ASP A 150 8.47 21.65 -2.65
CA ASP A 150 7.17 22.13 -3.04
C ASP A 150 6.48 23.07 -2.07
N ASP A 151 7.08 23.31 -0.89
CA ASP A 151 6.53 24.26 0.07
C ASP A 151 6.65 25.69 -0.45
N GLU A 154 6.47 26.89 -4.49
CA GLU A 154 7.74 27.45 -5.01
C GLU A 154 8.47 26.54 -6.05
N CYS A 155 7.88 25.34 -6.33
CA CYS A 155 8.51 24.37 -7.20
C CYS A 155 8.44 24.65 -8.71
N GLY A 156 7.26 24.95 -9.20
CA GLY A 156 7.10 25.17 -10.63
C GLY A 156 6.69 23.89 -11.31
N ASP A 157 5.80 23.16 -10.64
CA ASP A 157 5.18 21.92 -11.08
C ASP A 157 4.45 22.13 -12.37
N ILE A 158 4.73 21.30 -13.36
CA ILE A 158 4.15 21.54 -14.69
C ILE A 158 3.49 20.28 -15.22
N CYS A 159 2.20 20.41 -15.48
CA CYS A 159 1.38 19.28 -15.86
C CYS A 159 1.22 19.09 -17.35
N PRO A 160 0.85 17.85 -17.78
CA PRO A 160 0.59 17.59 -19.22
C PRO A 160 -0.32 18.63 -19.93
N ASN A 168 -4.66 19.39 -19.76
CA ASN A 168 -5.05 18.02 -20.11
C ASN A 168 -5.57 17.19 -18.92
N CYS A 169 -5.10 17.52 -17.70
CA CYS A 169 -5.47 16.81 -16.47
C CYS A 169 -6.83 17.21 -15.91
N PRO A 170 -7.49 16.34 -15.12
CA PRO A 170 -8.80 16.72 -14.59
C PRO A 170 -8.71 17.73 -13.45
N ALA A 171 -8.23 18.94 -13.75
CA ALA A 171 -8.09 19.99 -12.76
C ALA A 171 -9.40 20.31 -12.09
N THR A 172 -9.30 20.76 -10.86
CA THR A 172 -10.47 21.04 -10.06
C THR A 172 -10.15 22.16 -9.10
N VAL A 173 -11.19 22.67 -8.45
CA VAL A 173 -11.11 23.64 -7.37
C VAL A 173 -11.68 22.91 -6.15
N ILE A 174 -10.88 22.77 -5.09
CA ILE A 174 -11.28 22.12 -3.83
C ILE A 174 -11.19 23.23 -2.81
N ASN A 175 -12.31 23.58 -2.17
CA ASN A 175 -12.43 24.75 -1.28
C ASN A 175 -12.28 25.95 -2.21
N GLY A 176 -11.20 26.71 -2.06
CA GLY A 176 -10.90 27.80 -2.98
C GLY A 176 -9.59 27.55 -3.67
N GLN A 177 -9.11 26.29 -3.62
CA GLN A 177 -7.82 25.96 -4.15
C GLN A 177 -7.91 25.21 -5.44
N PHE A 178 -7.16 25.69 -6.41
CA PHE A 178 -7.02 25.00 -7.67
C PHE A 178 -6.03 23.85 -7.45
N VAL A 179 -6.34 22.65 -7.96
CA VAL A 179 -5.48 21.46 -7.89
C VAL A 179 -5.55 20.86 -9.27
N GLU A 180 -4.42 20.84 -10.00
CA GLU A 180 -4.39 20.42 -11.42
C GLU A 180 -4.61 18.91 -11.63
N ARG A 181 -4.22 18.10 -10.64
CA ARG A 181 -4.36 16.64 -10.65
C ARG A 181 -3.42 15.96 -11.61
N CYS A 182 -2.14 15.99 -11.27
CA CYS A 182 -1.12 15.28 -12.00
C CYS A 182 -0.02 14.82 -11.06
N TRP A 183 0.67 13.79 -11.49
CA TRP A 183 1.74 13.11 -10.77
C TRP A 183 3.14 13.49 -11.27
N THR A 184 3.29 13.69 -12.60
CA THR A 184 4.54 14.07 -13.27
C THR A 184 4.19 14.97 -14.47
N HIS A 185 5.23 15.49 -15.16
CA HIS A 185 5.10 16.28 -16.40
C HIS A 185 4.32 15.49 -17.47
N SER A 186 4.34 14.14 -17.41
CA SER A 186 3.69 13.35 -18.43
C SER A 186 2.59 12.43 -17.91
N HIS A 187 2.19 12.49 -16.63
CA HIS A 187 1.13 11.62 -16.11
C HIS A 187 0.09 12.36 -15.30
N CYS A 188 -1.16 12.32 -15.76
CA CYS A 188 -2.28 12.88 -15.03
C CYS A 188 -2.70 11.93 -13.92
N GLN A 189 -3.47 12.46 -12.95
CA GLN A 189 -4.10 11.68 -11.91
C GLN A 189 -5.43 11.20 -12.51
N LYS A 190 -5.74 9.88 -12.40
CA LYS A 190 -6.98 9.32 -12.92
C LYS A 190 -8.15 9.70 -12.03
N VAL A 191 -9.29 9.99 -12.63
CA VAL A 191 -10.48 10.35 -11.90
C VAL A 191 -11.68 9.61 -12.52
N CYS A 192 -12.59 9.14 -11.66
CA CYS A 192 -13.76 8.44 -12.10
C CYS A 192 -15.01 9.20 -11.73
N PRO A 193 -16.14 8.98 -12.46
CA PRO A 193 -17.39 9.59 -12.03
C PRO A 193 -17.74 9.22 -10.59
N THR A 194 -18.47 10.09 -9.93
CA THR A 194 -18.90 9.95 -8.55
C THR A 194 -19.72 8.67 -8.33
N ILE A 195 -20.48 8.24 -9.34
CA ILE A 195 -21.27 7.01 -9.27
C ILE A 195 -20.39 5.78 -9.04
N CYS A 196 -19.11 5.83 -9.50
CA CYS A 196 -18.19 4.72 -9.38
C CYS A 196 -17.65 4.57 -7.98
N LYS A 197 -17.80 5.62 -7.15
CA LYS A 197 -17.30 5.62 -5.79
C LYS A 197 -15.81 5.20 -5.80
N SER A 198 -15.43 4.29 -4.92
CA SER A 198 -14.06 3.82 -4.84
C SER A 198 -13.72 2.67 -5.79
N HIS A 199 -14.69 2.20 -6.60
CA HIS A 199 -14.53 1.01 -7.43
C HIS A 199 -13.65 1.12 -8.63
N GLY A 200 -13.48 2.32 -9.15
CA GLY A 200 -12.72 2.50 -10.38
C GLY A 200 -13.59 2.45 -11.62
N CYS A 201 -13.03 2.75 -12.78
CA CYS A 201 -13.74 2.78 -14.04
C CYS A 201 -12.77 2.50 -15.16
N THR A 202 -13.30 2.20 -16.34
CA THR A 202 -12.48 2.01 -17.54
C THR A 202 -12.14 3.39 -18.13
N ALA A 203 -11.33 3.39 -19.19
CA ALA A 203 -10.91 4.61 -19.87
C ALA A 203 -12.12 5.41 -20.37
N GLU A 204 -13.19 4.69 -20.72
CA GLU A 204 -14.42 5.30 -21.23
C GLU A 204 -15.36 5.80 -20.14
N GLY A 205 -14.96 5.68 -18.88
CA GLY A 205 -15.74 6.15 -17.73
C GLY A 205 -16.74 5.16 -17.16
N LEU A 206 -16.73 3.90 -17.64
CA LEU A 206 -17.67 2.86 -17.21
C LEU A 206 -17.24 2.21 -15.92
N CYS A 207 -18.13 2.22 -14.94
CA CYS A 207 -17.82 1.71 -13.62
C CYS A 207 -17.41 0.26 -13.58
N CYS A 208 -16.41 0.03 -12.75
CA CYS A 208 -15.96 -1.29 -12.37
C CYS A 208 -17.02 -1.81 -11.44
N HIS A 209 -17.01 -3.10 -11.23
CA HIS A 209 -17.90 -3.76 -10.31
C HIS A 209 -17.71 -3.22 -8.88
N SER A 210 -18.77 -3.23 -8.10
CA SER A 210 -18.76 -2.76 -6.70
C SER A 210 -17.82 -3.55 -5.79
N GLU A 211 -17.40 -4.77 -6.20
CA GLU A 211 -16.43 -5.58 -5.47
C GLU A 211 -15.00 -5.18 -5.85
N CYS A 212 -14.80 -4.38 -6.93
CA CYS A 212 -13.46 -3.89 -7.30
C CYS A 212 -13.07 -2.71 -6.46
N LEU A 213 -11.76 -2.46 -6.46
CA LEU A 213 -11.14 -1.33 -5.79
C LEU A 213 -10.11 -0.63 -6.74
N GLY A 214 -10.36 0.60 -7.10
CA GLY A 214 -9.44 1.39 -7.89
C GLY A 214 -9.46 1.29 -9.40
N ASN A 215 -9.45 0.05 -9.93
CA ASN A 215 -9.39 -0.14 -11.38
C ASN A 215 -9.80 -1.54 -11.79
N CYS A 216 -10.14 -1.73 -13.08
CA CYS A 216 -10.53 -3.00 -13.69
C CYS A 216 -10.18 -2.98 -15.16
N SER A 217 -10.05 -4.15 -15.79
CA SER A 217 -9.81 -4.26 -17.24
C SER A 217 -11.13 -4.21 -18.06
N GLN A 218 -12.26 -4.55 -17.42
CA GLN A 218 -13.60 -4.54 -18.02
C GLN A 218 -14.61 -4.06 -16.98
N PRO A 219 -15.66 -3.33 -17.41
CA PRO A 219 -16.66 -2.85 -16.47
C PRO A 219 -17.58 -3.95 -15.95
N ASP A 220 -18.13 -3.69 -14.75
CA ASP A 220 -19.10 -4.52 -14.09
C ASP A 220 -18.80 -6.04 -14.20
N ASP A 221 -17.58 -6.43 -13.81
CA ASP A 221 -17.17 -7.83 -13.81
C ASP A 221 -16.20 -8.04 -12.68
N PRO A 222 -16.58 -8.85 -11.66
CA PRO A 222 -15.71 -9.03 -10.49
C PRO A 222 -14.52 -9.96 -10.68
N THR A 223 -14.33 -10.47 -11.90
CA THR A 223 -13.18 -11.31 -12.23
C THR A 223 -12.20 -10.47 -13.05
N LYS A 224 -12.53 -9.19 -13.29
CA LYS A 224 -11.70 -8.30 -14.10
C LYS A 224 -11.16 -7.10 -13.32
N CYS A 225 -11.20 -7.18 -11.97
CA CYS A 225 -10.70 -6.14 -11.08
C CYS A 225 -9.19 -6.17 -11.01
N VAL A 226 -8.58 -4.99 -10.87
CA VAL A 226 -7.14 -4.90 -10.61
C VAL A 226 -6.90 -5.25 -9.12
N ALA A 227 -7.80 -4.83 -8.24
CA ALA A 227 -7.75 -5.11 -6.82
C ALA A 227 -9.17 -5.22 -6.29
N CYS A 228 -9.35 -5.85 -5.12
CA CYS A 228 -10.66 -6.07 -4.49
C CYS A 228 -10.97 -5.14 -3.37
N ARG A 229 -12.25 -4.80 -3.23
CA ARG A 229 -12.75 -3.96 -2.14
C ARG A 229 -12.74 -4.76 -0.85
N ASN A 230 -13.21 -6.01 -0.93
CA ASN A 230 -13.32 -6.88 0.22
C ASN A 230 -12.28 -8.01 0.23
N PHE A 231 -12.66 -9.20 -0.30
CA PHE A 231 -11.81 -10.38 -0.34
C PHE A 231 -11.59 -10.93 -1.72
N TYR A 232 -10.48 -11.59 -1.90
CA TYR A 232 -10.08 -12.19 -3.16
C TYR A 232 -10.14 -13.73 -3.08
N LEU A 233 -10.72 -14.36 -4.09
CA LEU A 233 -10.73 -15.81 -4.14
C LEU A 233 -10.77 -16.29 -5.56
N ASP A 234 -9.86 -17.20 -5.92
CA ASP A 234 -9.85 -17.85 -7.23
C ASP A 234 -10.14 -16.90 -8.39
N GLY A 235 -9.31 -15.88 -8.53
CA GLY A 235 -9.44 -14.87 -9.57
C GLY A 235 -10.73 -14.07 -9.53
N ARG A 236 -11.33 -13.91 -8.35
CA ARG A 236 -12.60 -13.17 -8.21
C ARG A 236 -12.66 -12.36 -6.95
N CYS A 237 -13.29 -11.19 -7.00
CA CYS A 237 -13.49 -10.35 -5.84
C CYS A 237 -14.84 -10.67 -5.24
N VAL A 238 -14.86 -11.06 -3.96
CA VAL A 238 -16.05 -11.48 -3.18
C VAL A 238 -16.25 -10.65 -1.90
N GLU A 239 -17.51 -10.48 -1.48
CA GLU A 239 -17.86 -9.71 -0.28
C GLU A 239 -17.31 -10.30 1.03
N THR A 240 -17.37 -11.62 1.20
CA THR A 240 -16.86 -12.35 2.38
C THR A 240 -16.44 -13.70 1.86
N CYS A 241 -15.59 -14.39 2.61
CA CYS A 241 -15.15 -15.72 2.26
C CYS A 241 -16.26 -16.70 2.48
N PRO A 242 -16.60 -17.51 1.44
CA PRO A 242 -17.62 -18.54 1.64
C PRO A 242 -16.96 -19.81 2.19
N PRO A 243 -17.76 -20.71 2.77
CA PRO A 243 -17.22 -22.01 3.22
C PRO A 243 -16.73 -22.83 2.02
N PRO A 244 -15.68 -23.62 2.21
CA PRO A 244 -14.94 -23.85 3.47
C PRO A 244 -13.74 -22.92 3.65
N TYR A 245 -13.76 -21.69 3.15
CA TYR A 245 -12.59 -20.82 3.23
C TYR A 245 -12.57 -19.89 4.44
N TYR A 246 -11.36 -19.45 4.83
CA TYR A 246 -11.14 -18.54 5.95
C TYR A 246 -10.59 -17.20 5.49
N HIS A 247 -10.95 -16.13 6.22
CA HIS A 247 -10.46 -14.79 5.98
C HIS A 247 -9.02 -14.71 6.43
N PHE A 248 -8.15 -14.28 5.54
CA PHE A 248 -6.73 -14.17 5.83
C PHE A 248 -6.19 -12.81 5.47
N GLN A 249 -5.44 -12.24 6.41
CA GLN A 249 -4.80 -10.93 6.29
C GLN A 249 -5.73 -9.82 5.85
N ASP A 250 -7.03 -9.98 6.14
CA ASP A 250 -8.12 -9.07 5.80
C ASP A 250 -8.23 -8.73 4.28
N TRP A 251 -7.77 -9.63 3.40
CA TRP A 251 -7.89 -9.43 1.95
C TRP A 251 -8.07 -10.72 1.11
N ARG A 252 -7.71 -11.90 1.65
CA ARG A 252 -7.91 -13.09 0.84
C ARG A 252 -8.54 -14.28 1.61
N CYS A 253 -9.09 -15.22 0.82
CA CYS A 253 -9.72 -16.44 1.27
C CYS A 253 -8.74 -17.52 1.11
N VAL A 254 -8.55 -18.28 2.18
CA VAL A 254 -7.62 -19.38 2.17
C VAL A 254 -8.35 -20.60 2.72
N ASN A 255 -7.86 -21.78 2.41
CA ASN A 255 -8.48 -23.02 2.88
C ASN A 255 -7.81 -23.50 4.15
N PHE A 256 -8.43 -24.46 4.80
CA PHE A 256 -7.88 -25.00 6.03
C PHE A 256 -6.46 -25.48 5.87
N SER A 257 -6.19 -26.17 4.77
CA SER A 257 -4.88 -26.75 4.52
C SER A 257 -3.76 -25.71 4.45
N PHE A 258 -4.05 -24.51 3.91
CA PHE A 258 -3.13 -23.38 3.83
C PHE A 258 -2.80 -22.89 5.23
N CYS A 259 -3.84 -22.70 6.06
CA CYS A 259 -3.67 -22.24 7.43
C CYS A 259 -2.89 -23.25 8.24
N GLN A 260 -3.10 -24.52 7.95
CA GLN A 260 -2.43 -25.63 8.61
C GLN A 260 -0.97 -25.69 8.21
N ASP A 261 -0.67 -25.49 6.92
CA ASP A 261 0.70 -25.48 6.41
C ASP A 261 1.50 -24.34 7.04
N LEU A 262 0.88 -23.18 7.26
CA LEU A 262 1.53 -22.05 7.92
C LEU A 262 1.91 -22.40 9.34
N HIS A 263 0.94 -22.99 10.08
CA HIS A 263 1.08 -23.42 11.47
C HIS A 263 2.27 -24.39 11.66
N HIS A 264 2.42 -25.35 10.73
CA HIS A 264 3.49 -26.33 10.78
C HIS A 264 4.84 -25.81 10.26
N LYS A 265 4.87 -24.64 9.58
CA LYS A 265 6.12 -23.99 9.17
C LYS A 265 6.52 -23.04 10.32
N HIS A 275 4.58 -17.20 13.27
CA HIS A 275 3.60 -17.63 14.26
C HIS A 275 2.98 -18.96 13.89
N GLN A 276 2.44 -19.67 14.88
CA GLN A 276 1.70 -20.91 14.63
C GLN A 276 0.26 -20.47 14.52
N TYR A 277 -0.25 -20.36 13.26
CA TYR A 277 -1.58 -19.86 12.92
C TYR A 277 -2.74 -20.69 13.44
N VAL A 278 -3.82 -20.01 13.81
CA VAL A 278 -4.99 -20.63 14.41
C VAL A 278 -6.26 -20.19 13.70
N ILE A 279 -7.35 -20.92 13.88
CA ILE A 279 -8.66 -20.58 13.35
C ILE A 279 -9.43 -19.93 14.46
N HIS A 280 -10.07 -18.80 14.15
CA HIS A 280 -10.94 -18.09 15.06
C HIS A 280 -11.93 -17.24 14.28
N ASN A 281 -13.24 -17.45 14.51
CA ASN A 281 -14.31 -16.67 13.85
C ASN A 281 -14.16 -16.57 12.32
N ASN A 282 -13.89 -17.73 11.66
CA ASN A 282 -13.72 -17.84 10.21
C ASN A 282 -12.52 -17.04 9.67
N LYS A 283 -11.51 -16.84 10.52
CA LYS A 283 -10.28 -16.16 10.16
C LYS A 283 -9.13 -17.07 10.50
N CYS A 284 -8.09 -17.02 9.70
CA CYS A 284 -6.87 -17.72 10.00
C CYS A 284 -5.94 -16.63 10.59
N ILE A 285 -5.58 -16.72 11.89
CA ILE A 285 -4.83 -15.65 12.54
C ILE A 285 -3.56 -16.10 13.28
N PRO A 286 -2.62 -15.14 13.52
CA PRO A 286 -1.32 -15.49 14.11
C PRO A 286 -1.38 -16.19 15.44
N GLU A 287 -2.26 -15.71 16.31
CA GLU A 287 -2.42 -16.35 17.62
C GLU A 287 -3.80 -16.19 18.21
N CYS A 288 -4.11 -17.06 19.19
CA CYS A 288 -5.37 -17.00 19.91
C CYS A 288 -5.49 -15.69 20.66
N PRO A 289 -6.70 -15.08 20.66
CA PRO A 289 -6.90 -13.87 21.48
C PRO A 289 -6.98 -14.24 22.97
N SER A 290 -6.98 -13.22 23.87
CA SER A 290 -7.05 -13.41 25.31
C SER A 290 -8.38 -14.03 25.63
N GLY A 291 -8.37 -15.02 26.53
CA GLY A 291 -9.55 -15.74 26.97
C GLY A 291 -9.78 -17.02 26.19
N TYR A 292 -8.87 -17.32 25.26
CA TYR A 292 -8.96 -18.48 24.40
C TYR A 292 -7.67 -19.27 24.42
N THR A 293 -7.79 -20.57 24.15
CA THR A 293 -6.70 -21.54 24.09
C THR A 293 -6.87 -22.30 22.80
N MET A 294 -5.81 -22.85 22.27
CA MET A 294 -5.89 -23.51 21.01
C MET A 294 -6.02 -25.01 21.09
N ASN A 295 -7.24 -25.47 20.78
CA ASN A 295 -7.59 -26.89 20.62
C ASN A 295 -6.64 -27.39 19.52
N SER A 296 -5.86 -28.40 19.85
CA SER A 296 -4.70 -28.80 19.08
C SER A 296 -4.98 -29.56 17.80
N SER A 297 -6.04 -30.36 17.77
CA SER A 297 -6.34 -31.25 16.65
C SER A 297 -6.93 -30.58 15.42
N ASN A 298 -7.34 -29.32 15.53
CA ASN A 298 -8.06 -28.64 14.46
C ASN A 298 -7.80 -27.14 14.42
N LEU A 299 -6.68 -26.71 15.03
CA LEU A 299 -6.20 -25.33 15.06
C LEU A 299 -7.21 -24.33 15.57
N LEU A 300 -8.28 -24.79 16.21
CA LEU A 300 -9.36 -23.91 16.58
C LEU A 300 -9.26 -23.30 17.96
N CYS A 301 -9.31 -21.96 18.01
CA CYS A 301 -9.38 -21.25 19.28
C CYS A 301 -10.70 -21.55 19.93
N THR A 302 -10.63 -22.06 21.17
CA THR A 302 -11.78 -22.32 22.02
C THR A 302 -11.65 -21.44 23.27
N PRO A 303 -12.77 -20.88 23.77
CA PRO A 303 -12.70 -20.00 24.95
C PRO A 303 -12.41 -20.78 26.21
N CYS A 304 -11.95 -20.06 27.24
CA CYS A 304 -11.63 -20.69 28.50
C CYS A 304 -12.75 -20.60 29.47
N LEU A 305 -13.23 -21.74 29.91
CA LEU A 305 -14.21 -21.70 30.98
C LEU A 305 -13.33 -21.69 32.21
N GLY A 306 -13.35 -20.56 32.90
CA GLY A 306 -12.44 -20.36 34.01
C GLY A 306 -11.06 -20.04 33.47
N PRO A 307 -10.04 -19.95 34.34
CA PRO A 307 -8.69 -19.58 33.87
C PRO A 307 -8.15 -20.42 32.72
N CYS A 308 -7.38 -19.77 31.81
CA CYS A 308 -6.75 -20.40 30.65
C CYS A 308 -5.54 -21.21 31.10
N PRO A 309 -5.30 -22.41 30.52
CA PRO A 309 -4.13 -23.21 30.93
C PRO A 309 -2.80 -22.59 30.49
N GLU B 1 4.54 12.99 14.57
CA GLU B 1 4.77 14.07 15.52
C GLU B 1 6.31 14.21 15.76
N SER B 2 6.72 14.63 17.00
CA SER B 2 8.11 14.68 17.45
C SER B 2 8.43 13.20 17.68
N SER B 3 7.41 12.39 18.09
CA SER B 3 7.50 10.95 18.28
C SER B 3 7.95 10.22 17.00
N PHE B 4 7.40 10.62 15.83
CA PHE B 4 7.79 10.10 14.50
C PHE B 4 9.24 10.47 14.28
N ARG B 5 9.59 11.77 14.44
CA ARG B 5 10.95 12.31 14.28
C ARG B 5 11.91 11.51 15.15
N LYS B 6 11.56 11.36 16.44
CA LYS B 6 12.35 10.68 17.47
C LYS B 6 12.58 9.20 17.16
N THR B 7 11.61 8.54 16.47
CA THR B 7 11.70 7.12 16.06
C THR B 7 12.88 6.93 15.10
N PHE B 8 13.03 7.86 14.13
CA PHE B 8 14.08 7.83 13.13
C PHE B 8 15.42 8.08 13.75
N GLU B 9 15.55 9.19 14.52
CA GLU B 9 16.77 9.57 15.25
C GLU B 9 17.31 8.33 15.95
N ASP B 10 16.45 7.70 16.79
CA ASP B 10 16.74 6.50 17.57
C ASP B 10 17.11 5.29 16.72
N TYR B 11 16.57 5.19 15.49
CA TYR B 11 16.89 4.06 14.61
C TYR B 11 18.32 4.19 14.16
N LEU B 12 18.78 5.44 13.87
CA LEU B 12 20.14 5.74 13.43
C LEU B 12 21.22 5.47 14.53
N HIS B 13 20.88 4.60 15.49
CA HIS B 13 21.65 4.02 16.59
C HIS B 13 21.39 2.51 16.47
N ASN B 14 21.90 2.03 15.34
CA ASN B 14 21.89 0.70 14.74
C ASN B 14 23.30 0.53 14.19
N VAL B 15 23.65 -0.69 13.78
CA VAL B 15 24.97 -0.91 13.20
C VAL B 15 24.87 -1.39 11.75
N VAL B 16 25.63 -0.72 10.85
CA VAL B 16 25.82 -0.99 9.41
C VAL B 16 27.34 -0.88 9.14
#